data_4BOQ
#
_entry.id   4BOQ
#
_cell.length_a   60.670
_cell.length_b   60.670
_cell.length_c   86.180
_cell.angle_alpha   90.00
_cell.angle_beta   90.00
_cell.angle_gamma   120.00
#
_symmetry.space_group_name_H-M   'P 31 2 1'
#
loop_
_entity.id
_entity.type
_entity.pdbx_description
1 polymer 'UBIQUITIN THIOESTERASE OTU1'
2 non-polymer GLYCEROL
3 water water
#
_entity_poly.entity_id   1
_entity_poly.type   'polypeptide(L)'
_entity_poly.pdbx_seq_one_letter_code
;AFTKRGASSYVRETLPVLTRTVVPADNSCLFTSVYYVVEGGVLNPACAPEMRRLIAQIVASDPDFYSEAILGKTNQEYCD
WIKRDDTWGGAIEISILSKFYQCEICVVDTQTVRIDRFGEDAGYTKRVLLIYDGIHYDPLQRNFPDPDTPPLTIFSSNDD
IVLVQALELADEARRRRQFTDVN
;
_entity_poly.pdbx_strand_id   A
#
loop_
_chem_comp.id
_chem_comp.type
_chem_comp.name
_chem_comp.formula
GOL non-polymer GLYCEROL 'C3 H8 O3'
#
# COMPACT_ATOMS: atom_id res chain seq x y z
N LYS A 4 25.61 0.65 39.99
CA LYS A 4 24.21 0.75 39.56
C LYS A 4 24.03 1.32 38.13
N ARG A 5 22.86 1.90 37.84
CA ARG A 5 22.30 1.91 36.48
C ARG A 5 22.92 2.68 35.29
N GLY A 6 23.38 3.92 35.48
CA GLY A 6 24.01 4.65 34.40
C GLY A 6 23.10 5.52 33.57
N ALA A 7 21.89 5.79 34.05
CA ALA A 7 20.90 6.56 33.23
C ALA A 7 21.38 7.96 32.74
N SER A 8 22.31 8.59 33.46
CA SER A 8 22.73 9.88 32.97
CA SER A 8 22.85 9.88 33.10
C SER A 8 23.92 9.83 32.00
N SER A 9 24.35 8.64 31.60
CA SER A 9 25.51 8.64 30.70
C SER A 9 25.19 8.56 29.20
N TYR A 10 23.92 8.71 28.87
CA TYR A 10 23.53 8.69 27.49
C TYR A 10 22.39 9.68 27.27
N VAL A 11 22.14 10.01 26.01
CA VAL A 11 21.02 10.88 25.60
C VAL A 11 20.06 9.97 24.88
N ARG A 12 18.80 9.99 25.27
CA ARG A 12 17.78 9.17 24.64
C ARG A 12 17.32 9.89 23.35
N GLU A 13 17.02 9.14 22.30
CA GLU A 13 16.49 9.71 21.07
C GLU A 13 15.38 8.84 20.57
N THR A 14 14.38 9.48 19.97
CA THR A 14 13.35 8.69 19.28
C THR A 14 12.93 9.43 18.02
N LEU A 15 12.25 8.72 17.13
CA LEU A 15 11.84 9.27 15.86
C LEU A 15 10.50 8.57 15.52
N PRO A 16 9.77 9.14 14.57
CA PRO A 16 8.57 8.43 14.09
C PRO A 16 8.98 7.11 13.44
N VAL A 17 8.06 6.13 13.47
CA VAL A 17 8.30 4.81 12.90
C VAL A 17 7.10 4.40 12.10
N LEU A 18 7.31 3.51 11.15
CA LEU A 18 6.17 2.94 10.39
C LEU A 18 5.66 1.70 11.04
N THR A 19 4.34 1.59 11.06
CA THR A 19 3.70 0.44 11.62
CA THR A 19 3.70 0.45 11.64
C THR A 19 2.61 -0.07 10.67
N ARG A 20 2.28 -1.34 10.79
CA ARG A 20 1.25 -1.97 9.96
C ARG A 20 -0.06 -1.81 10.71
N THR A 21 -1.16 -1.54 10.02
CA THR A 21 -2.49 -1.70 10.57
C THR A 21 -3.06 -2.91 9.90
N VAL A 22 -3.55 -3.85 10.64
CA VAL A 22 -4.03 -5.12 10.07
C VAL A 22 -5.45 -5.04 9.52
N VAL A 23 -5.62 -5.42 8.26
CA VAL A 23 -6.97 -5.48 7.69
C VAL A 23 -7.35 -6.95 7.55
N PRO A 24 -8.66 -7.21 7.36
CA PRO A 24 -9.12 -8.60 7.41
C PRO A 24 -8.41 -9.49 6.43
N ALA A 25 -8.20 -10.74 6.83
CA ALA A 25 -7.48 -11.69 6.02
C ALA A 25 -8.40 -12.35 5.02
N ASP A 26 -8.86 -11.57 4.04
CA ASP A 26 -9.75 -12.12 3.01
C ASP A 26 -9.33 -11.54 1.66
N ASN A 27 -10.05 -11.90 0.60
CA ASN A 27 -9.60 -11.55 -0.73
C ASN A 27 -9.74 -10.09 -1.04
N SER A 28 -10.33 -9.30 -0.14
N SER A 28 -10.31 -9.31 -0.14
CA SER A 28 -10.53 -7.84 -0.31
CA SER A 28 -10.50 -7.88 -0.38
C SER A 28 -9.36 -7.04 0.15
C SER A 28 -9.39 -7.06 0.22
N CYS A 29 -8.32 -7.71 0.70
CA CYS A 29 -7.27 -6.97 1.44
C CYS A 29 -6.61 -5.92 0.59
N LEU A 30 -6.43 -6.09 -0.73
CA LEU A 30 -5.72 -5.01 -1.45
C LEU A 30 -6.59 -3.75 -1.39
N PHE A 31 -7.90 -3.93 -1.61
CA PHE A 31 -8.79 -2.77 -1.74
C PHE A 31 -8.93 -2.11 -0.38
N THR A 32 -9.10 -2.90 0.68
CA THR A 32 -9.19 -2.31 1.99
CA THR A 32 -9.19 -2.30 1.98
C THR A 32 -7.92 -1.59 2.41
N SER A 33 -6.78 -2.17 2.04
CA SER A 33 -5.53 -1.49 2.40
C SER A 33 -5.37 -0.17 1.64
N VAL A 34 -5.69 -0.18 0.34
CA VAL A 34 -5.57 1.06 -0.39
C VAL A 34 -6.52 2.13 0.13
N TYR A 35 -7.73 1.75 0.42
CA TYR A 35 -8.67 2.73 0.96
C TYR A 35 -8.11 3.28 2.28
N TYR A 36 -7.58 2.38 3.14
CA TYR A 36 -7.10 2.88 4.43
C TYR A 36 -6.09 4.00 4.24
N VAL A 37 -5.10 3.80 3.34
CA VAL A 37 -4.05 4.82 3.26
C VAL A 37 -4.52 6.07 2.47
N VAL A 38 -5.31 5.90 1.38
CA VAL A 38 -5.66 7.14 0.66
C VAL A 38 -6.73 7.94 1.39
N GLU A 39 -7.43 7.31 2.34
CA GLU A 39 -8.39 8.01 3.15
C GLU A 39 -7.82 8.60 4.43
N GLY A 40 -6.50 8.50 4.60
CA GLY A 40 -5.89 9.17 5.77
C GLY A 40 -5.81 8.30 7.01
N GLY A 41 -6.08 7.02 6.88
CA GLY A 41 -5.93 6.04 7.96
C GLY A 41 -7.32 5.72 8.50
N VAL A 42 -8.19 5.17 7.65
CA VAL A 42 -9.54 4.78 8.09
C VAL A 42 -9.89 3.49 7.43
N LEU A 43 -10.27 2.50 8.25
CA LEU A 43 -10.62 1.18 7.79
C LEU A 43 -12.04 1.20 7.32
N ASN A 44 -12.28 0.70 6.11
CA ASN A 44 -13.69 0.55 5.66
C ASN A 44 -13.72 -0.81 4.97
N PRO A 45 -14.14 -1.83 5.69
CA PRO A 45 -14.09 -3.18 5.14
C PRO A 45 -15.14 -3.38 4.05
N ALA A 46 -16.05 -2.40 3.81
CA ALA A 46 -17.07 -2.49 2.81
C ALA A 46 -16.70 -1.74 1.55
N CYS A 47 -15.45 -1.25 1.44
CA CYS A 47 -15.10 -0.42 0.29
C CYS A 47 -14.90 -1.20 -1.00
N ALA A 48 -14.66 -2.53 -0.95
CA ALA A 48 -14.21 -3.18 -2.17
C ALA A 48 -15.18 -3.15 -3.34
N PRO A 49 -16.49 -3.37 -3.11
CA PRO A 49 -17.35 -3.40 -4.32
C PRO A 49 -17.31 -2.08 -5.11
N GLU A 50 -17.22 -0.95 -4.42
CA GLU A 50 -17.19 0.34 -5.12
C GLU A 50 -15.85 0.49 -5.83
N MET A 51 -14.77 0.08 -5.21
N MET A 51 -14.77 0.07 -5.19
CA MET A 51 -13.47 0.15 -5.85
CA MET A 51 -13.45 0.14 -5.81
C MET A 51 -13.35 -0.75 -7.07
C MET A 51 -13.36 -0.74 -7.06
N ARG A 52 -13.95 -1.94 -6.99
CA ARG A 52 -13.91 -2.87 -8.16
C ARG A 52 -14.72 -2.27 -9.31
N ARG A 53 -15.87 -1.68 -9.01
CA ARG A 53 -16.66 -1.07 -10.04
C ARG A 53 -15.90 0.06 -10.69
N LEU A 54 -15.24 0.87 -9.88
CA LEU A 54 -14.44 1.96 -10.43
C LEU A 54 -13.35 1.42 -11.39
N ILE A 55 -12.64 0.40 -10.95
CA ILE A 55 -11.62 -0.18 -11.81
C ILE A 55 -12.19 -0.67 -13.12
N ALA A 56 -13.33 -1.35 -13.03
CA ALA A 56 -13.93 -1.86 -14.29
C ALA A 56 -14.33 -0.69 -15.20
N GLN A 57 -14.87 0.38 -14.63
CA GLN A 57 -15.23 1.51 -15.47
C GLN A 57 -14.00 2.09 -16.15
N ILE A 58 -12.92 2.28 -15.41
CA ILE A 58 -11.69 2.81 -16.00
C ILE A 58 -11.17 1.92 -17.14
N VAL A 59 -11.09 0.62 -16.92
CA VAL A 59 -10.58 -0.32 -17.92
C VAL A 59 -11.47 -0.40 -19.15
N ALA A 60 -12.80 -0.46 -18.94
CA ALA A 60 -13.67 -0.52 -20.11
C ALA A 60 -13.62 0.77 -20.93
N SER A 61 -13.32 1.90 -20.28
CA SER A 61 -13.31 3.18 -21.01
C SER A 61 -12.02 3.43 -21.81
N ASP A 62 -11.00 2.58 -21.69
CA ASP A 62 -9.73 2.78 -22.42
C ASP A 62 -9.18 1.48 -22.96
N PRO A 63 -9.89 0.87 -23.90
CA PRO A 63 -9.42 -0.39 -24.45
C PRO A 63 -8.14 -0.21 -25.27
N ASP A 64 -7.89 0.99 -25.77
CA ASP A 64 -6.60 1.18 -26.50
C ASP A 64 -5.38 0.86 -25.64
N PHE A 65 -5.45 1.21 -24.35
CA PHE A 65 -4.44 0.85 -23.43
C PHE A 65 -4.68 -0.53 -22.78
N TYR A 66 -5.89 -0.77 -22.29
CA TYR A 66 -6.17 -1.96 -21.48
C TYR A 66 -6.59 -3.12 -22.38
N SER A 67 -5.58 -3.77 -22.94
CA SER A 67 -5.73 -4.97 -23.76
C SER A 67 -5.20 -6.22 -23.06
N GLU A 68 -5.35 -7.38 -23.72
CA GLU A 68 -4.79 -8.64 -23.17
C GLU A 68 -3.34 -8.51 -22.73
N ALA A 69 -2.53 -7.74 -23.47
CA ALA A 69 -1.12 -7.62 -23.10
C ALA A 69 -0.90 -7.03 -21.72
N ILE A 70 -1.86 -6.20 -21.27
CA ILE A 70 -1.76 -5.54 -19.96
C ILE A 70 -2.55 -6.36 -18.95
N LEU A 71 -3.70 -6.88 -19.33
CA LEU A 71 -4.66 -7.38 -18.32
C LEU A 71 -4.52 -8.89 -18.14
N GLY A 72 -3.99 -9.58 -19.14
CA GLY A 72 -4.02 -11.03 -19.10
C GLY A 72 -5.35 -11.71 -19.38
N LYS A 73 -6.36 -10.92 -19.77
CA LYS A 73 -7.70 -11.32 -20.14
C LYS A 73 -8.15 -10.31 -21.18
N THR A 74 -9.20 -10.64 -21.92
CA THR A 74 -9.81 -9.62 -22.78
C THR A 74 -10.39 -8.50 -21.89
N ASN A 75 -10.56 -7.33 -22.47
CA ASN A 75 -10.99 -6.17 -21.69
C ASN A 75 -12.34 -6.53 -21.01
N GLN A 76 -13.33 -7.02 -21.74
CA GLN A 76 -14.60 -7.43 -21.12
C GLN A 76 -14.45 -8.57 -20.13
N GLU A 77 -13.59 -9.54 -20.42
CA GLU A 77 -13.40 -10.63 -19.47
C GLU A 77 -12.81 -10.06 -18.14
N TYR A 78 -11.87 -9.11 -18.23
CA TYR A 78 -11.25 -8.51 -17.05
C TYR A 78 -12.33 -7.78 -16.23
N CYS A 79 -13.20 -7.04 -16.90
CA CYS A 79 -14.18 -6.21 -16.19
C CYS A 79 -15.15 -7.13 -15.42
N ASP A 80 -15.56 -8.22 -16.04
CA ASP A 80 -16.42 -9.19 -15.35
C ASP A 80 -15.68 -9.73 -14.16
N TRP A 81 -14.39 -10.00 -14.34
CA TRP A 81 -13.59 -10.66 -13.31
C TRP A 81 -13.39 -9.76 -12.10
N ILE A 82 -13.03 -8.49 -12.32
CA ILE A 82 -12.72 -7.59 -11.20
C ILE A 82 -13.96 -7.28 -10.39
N LYS A 83 -15.13 -7.37 -11.01
CA LYS A 83 -16.37 -7.08 -10.31
C LYS A 83 -16.86 -8.25 -9.47
N ARG A 84 -16.23 -9.40 -9.57
CA ARG A 84 -16.63 -10.54 -8.72
C ARG A 84 -16.19 -10.22 -7.32
N ASP A 85 -16.91 -10.77 -6.36
CA ASP A 85 -16.58 -10.51 -4.98
C ASP A 85 -15.53 -11.48 -4.44
N ASP A 86 -15.10 -12.45 -5.25
CA ASP A 86 -14.15 -13.44 -4.77
C ASP A 86 -12.77 -13.34 -5.39
N THR A 87 -12.53 -12.33 -6.20
CA THR A 87 -11.23 -12.24 -6.84
C THR A 87 -10.24 -11.41 -6.01
N TRP A 88 -8.95 -11.67 -6.19
CA TRP A 88 -7.90 -10.97 -5.40
C TRP A 88 -7.19 -9.93 -6.24
N GLY A 89 -6.97 -8.76 -5.65
CA GLY A 89 -6.24 -7.73 -6.40
C GLY A 89 -4.74 -7.89 -6.36
N GLY A 90 -4.10 -7.23 -7.28
CA GLY A 90 -2.64 -7.29 -7.38
C GLY A 90 -2.12 -6.07 -8.17
N ALA A 91 -0.98 -6.25 -8.79
CA ALA A 91 -0.34 -5.12 -9.47
C ALA A 91 -1.11 -4.39 -10.53
N ILE A 92 -1.88 -5.12 -11.31
CA ILE A 92 -2.66 -4.43 -12.35
C ILE A 92 -3.63 -3.45 -11.71
N GLU A 93 -4.29 -3.87 -10.63
CA GLU A 93 -5.24 -3.00 -10.00
C GLU A 93 -4.54 -1.87 -9.23
N ILE A 94 -3.37 -2.15 -8.64
CA ILE A 94 -2.68 -1.08 -7.92
C ILE A 94 -2.26 0.00 -8.92
N SER A 95 -1.82 -0.41 -10.11
CA SER A 95 -1.41 0.58 -11.09
C SER A 95 -2.64 1.47 -11.47
N ILE A 96 -3.79 0.84 -11.72
CA ILE A 96 -4.99 1.62 -12.05
C ILE A 96 -5.36 2.58 -10.92
N LEU A 97 -5.28 2.09 -9.68
CA LEU A 97 -5.69 2.94 -8.54
C LEU A 97 -4.69 4.06 -8.30
N SER A 98 -3.42 3.82 -8.52
CA SER A 98 -2.45 4.86 -8.40
CA SER A 98 -2.45 4.89 -8.37
C SER A 98 -2.75 6.02 -9.36
N LYS A 99 -3.12 5.70 -10.61
CA LYS A 99 -3.44 6.73 -11.62
C LYS A 99 -4.72 7.44 -11.19
N PHE A 100 -5.71 6.69 -10.70
CA PHE A 100 -6.99 7.31 -10.34
C PHE A 100 -6.79 8.29 -9.16
N TYR A 101 -6.09 7.84 -8.13
CA TYR A 101 -5.90 8.66 -6.94
C TYR A 101 -4.82 9.72 -7.12
N GLN A 102 -4.10 9.63 -8.24
CA GLN A 102 -2.95 10.48 -8.53
C GLN A 102 -1.97 10.50 -7.36
N CYS A 103 -1.57 9.30 -6.95
CA CYS A 103 -0.76 9.17 -5.74
CA CYS A 103 -0.62 9.26 -5.85
C CYS A 103 0.19 8.02 -6.02
N GLU A 104 1.46 8.14 -5.62
CA GLU A 104 2.38 7.02 -5.88
C GLU A 104 2.04 5.93 -4.86
N ILE A 105 1.87 4.67 -5.26
CA ILE A 105 1.58 3.61 -4.27
C ILE A 105 2.85 2.79 -4.22
N CYS A 106 3.42 2.67 -3.02
CA CYS A 106 4.71 1.97 -2.83
C CYS A 106 4.43 0.72 -2.02
N VAL A 107 4.60 -0.44 -2.62
CA VAL A 107 4.30 -1.70 -1.94
C VAL A 107 5.59 -2.34 -1.49
N VAL A 108 5.82 -2.50 -0.17
N VAL A 108 5.75 -2.55 -0.17
CA VAL A 108 7.00 -3.24 0.18
CA VAL A 108 6.94 -3.24 0.33
C VAL A 108 6.67 -4.71 0.24
C VAL A 108 6.76 -4.76 0.41
N ASP A 109 7.56 -5.47 -0.40
CA ASP A 109 7.34 -6.88 -0.63
C ASP A 109 8.25 -7.61 0.33
N THR A 110 7.70 -8.34 1.27
CA THR A 110 8.53 -9.07 2.26
C THR A 110 9.11 -10.37 1.75
N GLN A 111 8.75 -10.81 0.53
CA GLN A 111 9.44 -11.94 -0.05
C GLN A 111 10.69 -11.55 -0.78
N THR A 112 10.76 -10.36 -1.36
CA THR A 112 11.95 -9.96 -2.14
C THR A 112 12.74 -8.83 -1.52
N VAL A 113 12.21 -8.24 -0.43
CA VAL A 113 12.82 -7.09 0.25
C VAL A 113 13.11 -6.00 -0.75
N ARG A 114 12.05 -5.57 -1.39
N ARG A 114 12.05 -5.64 -1.46
CA ARG A 114 12.09 -4.52 -2.41
CA ARG A 114 12.05 -4.52 -2.39
C ARG A 114 10.79 -3.75 -2.31
C ARG A 114 10.82 -3.69 -2.14
N ILE A 115 10.81 -2.49 -2.71
CA ILE A 115 9.59 -1.69 -2.78
C ILE A 115 9.22 -1.61 -4.23
N ASP A 116 7.98 -1.99 -4.46
CA ASP A 116 7.49 -1.82 -5.83
C ASP A 116 6.75 -0.48 -5.94
N ARG A 117 7.27 0.45 -6.73
CA ARG A 117 6.73 1.83 -6.80
C ARG A 117 5.82 1.99 -8.02
N PHE A 118 4.55 2.27 -7.73
CA PHE A 118 3.61 2.47 -8.86
C PHE A 118 3.37 3.97 -8.97
N GLY A 119 3.69 4.54 -10.14
CA GLY A 119 3.72 5.99 -10.35
C GLY A 119 5.05 6.63 -10.14
N GLU A 120 6.13 5.85 -10.26
CA GLU A 120 7.46 6.36 -9.94
C GLU A 120 7.88 7.63 -10.71
N ASP A 121 7.35 7.77 -11.90
CA ASP A 121 7.81 8.90 -12.72
C ASP A 121 6.66 9.90 -13.02
N ALA A 122 5.55 9.72 -12.34
CA ALA A 122 4.32 10.44 -12.70
C ALA A 122 4.28 11.89 -12.17
N GLY A 123 5.19 12.23 -11.26
CA GLY A 123 5.21 13.56 -10.71
C GLY A 123 4.10 13.80 -9.71
N TYR A 124 3.58 12.73 -9.10
CA TYR A 124 2.53 12.93 -8.12
C TYR A 124 3.16 13.57 -6.88
N THR A 125 2.37 14.26 -6.08
CA THR A 125 3.09 14.94 -5.01
C THR A 125 2.98 14.13 -3.75
N LYS A 126 2.15 13.10 -3.76
CA LYS A 126 2.00 12.27 -2.51
C LYS A 126 2.30 10.82 -2.81
N ARG A 127 2.65 10.07 -1.74
CA ARG A 127 2.83 8.63 -1.80
C ARG A 127 2.19 7.97 -0.60
N VAL A 128 1.73 6.75 -0.83
CA VAL A 128 1.20 5.90 0.27
C VAL A 128 1.91 4.58 0.20
N LEU A 129 1.93 3.84 1.34
CA LEU A 129 2.69 2.57 1.44
C LEU A 129 1.80 1.42 1.90
N LEU A 130 2.00 0.25 1.26
CA LEU A 130 1.40 -1.00 1.69
C LEU A 130 2.52 -1.97 1.92
N ILE A 131 2.22 -3.04 2.68
CA ILE A 131 3.17 -4.16 2.87
C ILE A 131 2.49 -5.46 2.45
N TYR A 132 3.26 -6.30 1.77
CA TYR A 132 2.71 -7.45 1.04
CA TYR A 132 2.66 -7.45 1.12
C TYR A 132 3.59 -8.62 1.30
N ASP A 133 3.00 -9.79 1.59
CA ASP A 133 3.80 -10.99 1.85
C ASP A 133 3.61 -12.07 0.81
N GLY A 134 3.04 -11.71 -0.35
CA GLY A 134 2.80 -12.75 -1.37
C GLY A 134 1.36 -13.20 -1.43
N ILE A 135 0.64 -12.96 -0.37
CA ILE A 135 -0.80 -13.24 -0.37
C ILE A 135 -1.62 -12.05 0.16
N HIS A 136 -1.22 -11.53 1.33
CA HIS A 136 -2.03 -10.53 2.02
C HIS A 136 -1.34 -9.16 1.98
N TYR A 137 -2.12 -8.15 1.69
CA TYR A 137 -1.70 -6.76 1.83
C TYR A 137 -2.22 -6.19 3.11
N ASP A 138 -1.38 -5.35 3.76
CA ASP A 138 -1.86 -4.46 4.87
C ASP A 138 -1.34 -3.07 4.56
N PRO A 139 -2.01 -2.05 5.04
CA PRO A 139 -1.55 -0.66 4.93
C PRO A 139 -0.44 -0.37 5.98
N LEU A 140 0.42 0.58 5.64
CA LEU A 140 1.41 1.13 6.60
C LEU A 140 1.10 2.58 6.90
N GLN A 141 1.46 2.99 8.14
CA GLN A 141 1.29 4.38 8.54
C GLN A 141 2.52 4.78 9.39
N ARG A 142 2.74 6.09 9.47
CA ARG A 142 3.77 6.63 10.38
C ARG A 142 3.16 7.00 11.72
N ASN A 143 3.68 6.40 12.79
CA ASN A 143 3.25 6.78 14.09
C ASN A 143 4.33 7.67 14.73
N PHE A 144 3.89 8.66 15.50
CA PHE A 144 4.81 9.63 16.08
C PHE A 144 4.99 9.40 17.52
N PRO A 145 6.16 9.84 18.03
CA PRO A 145 6.48 9.62 19.45
C PRO A 145 6.00 10.83 20.31
N ASP A 146 4.72 11.01 20.26
CA ASP A 146 4.08 12.04 21.07
C ASP A 146 2.63 11.64 21.10
N PRO A 147 1.86 12.16 22.08
CA PRO A 147 0.51 11.64 22.28
C PRO A 147 -0.55 12.32 21.44
N ASP A 148 -0.19 13.41 20.77
CA ASP A 148 -1.17 14.25 20.07
C ASP A 148 -1.23 14.05 18.57
N THR A 149 -0.10 13.78 17.94
CA THR A 149 -0.10 13.72 16.48
C THR A 149 -0.76 12.45 16.02
N PRO A 150 -1.80 12.53 15.19
CA PRO A 150 -2.41 11.26 14.75
C PRO A 150 -1.49 10.58 13.69
N PRO A 151 -1.63 9.26 13.49
CA PRO A 151 -0.79 8.60 12.51
C PRO A 151 -1.03 9.22 11.13
N LEU A 152 0.00 9.16 10.32
CA LEU A 152 -0.03 9.70 8.94
C LEU A 152 0.08 8.57 7.93
N THR A 153 -0.81 8.55 6.90
CA THR A 153 -0.68 7.56 5.86
C THR A 153 -0.31 8.13 4.51
N ILE A 154 -0.29 9.45 4.36
CA ILE A 154 -0.12 10.09 3.05
C ILE A 154 1.11 10.92 3.22
N PHE A 155 2.15 10.60 2.47
CA PHE A 155 3.46 11.26 2.58
C PHE A 155 3.77 12.08 1.41
N SER A 156 4.68 13.04 1.56
CA SER A 156 5.25 13.67 0.36
C SER A 156 5.98 12.64 -0.50
N SER A 157 5.90 12.76 -1.82
CA SER A 157 6.64 11.83 -2.67
C SER A 157 8.14 12.08 -2.67
N ASN A 158 8.57 13.15 -1.99
CA ASN A 158 9.99 13.36 -1.73
C ASN A 158 10.44 12.83 -0.37
N ASP A 159 9.54 12.26 0.42
CA ASP A 159 9.90 11.66 1.74
C ASP A 159 10.46 10.26 1.55
N ASP A 160 11.77 10.14 1.54
CA ASP A 160 12.32 8.82 1.39
C ASP A 160 12.63 8.13 2.70
N ILE A 161 12.41 8.81 3.82
CA ILE A 161 12.55 8.12 5.10
CA ILE A 161 12.53 8.15 5.13
C ILE A 161 11.53 6.98 5.22
N VAL A 162 10.32 7.20 4.67
CA VAL A 162 9.34 6.12 4.78
C VAL A 162 9.86 4.91 4.00
N LEU A 163 10.55 5.12 2.87
CA LEU A 163 11.08 3.97 2.13
C LEU A 163 12.19 3.22 2.90
N VAL A 164 13.03 3.99 3.59
CA VAL A 164 14.09 3.45 4.40
C VAL A 164 13.54 2.57 5.50
N GLN A 165 12.52 3.07 6.15
CA GLN A 165 11.89 2.28 7.24
C GLN A 165 11.06 1.10 6.74
N ALA A 166 10.38 1.25 5.60
CA ALA A 166 9.61 0.14 5.06
C ALA A 166 10.49 -1.07 4.69
N LEU A 167 11.63 -0.75 4.09
CA LEU A 167 12.56 -1.80 3.74
C LEU A 167 13.11 -2.53 4.96
N GLU A 168 13.33 -1.78 6.05
CA GLU A 168 13.73 -2.48 7.24
C GLU A 168 12.67 -3.43 7.73
N LEU A 169 11.39 -2.98 7.73
CA LEU A 169 10.35 -3.84 8.17
CA LEU A 169 10.29 -3.85 8.12
C LEU A 169 10.22 -5.08 7.27
N ALA A 170 10.43 -4.91 5.98
CA ALA A 170 10.38 -6.07 5.08
C ALA A 170 11.50 -7.00 5.36
N ASP A 171 12.71 -6.47 5.57
CA ASP A 171 13.83 -7.33 5.82
C ASP A 171 13.64 -8.17 7.10
N GLU A 172 13.16 -7.51 8.16
CA GLU A 172 12.94 -8.22 9.39
C GLU A 172 11.85 -9.30 9.23
N ALA A 173 10.77 -8.99 8.48
CA ALA A 173 9.76 -10.01 8.21
C ALA A 173 10.32 -11.20 7.45
N ARG A 174 11.16 -10.95 6.43
CA ARG A 174 11.69 -12.09 5.66
C ARG A 174 12.64 -12.96 6.53
N ARG A 175 13.44 -12.31 7.37
CA ARG A 175 14.24 -13.06 8.32
C ARG A 175 13.43 -13.86 9.37
N ARG A 176 12.32 -13.33 9.89
CA ARG A 176 11.47 -14.13 10.76
C ARG A 176 10.87 -15.33 9.99
N ARG A 177 10.45 -15.09 8.75
CA ARG A 177 9.95 -16.21 7.95
C ARG A 177 10.99 -17.35 7.79
N GLN A 178 12.24 -17.02 7.50
CA GLN A 178 13.30 -18.03 7.27
C GLN A 178 13.58 -18.98 8.46
C1 GOL B . 5.89 10.09 -7.71
O1 GOL B . 4.86 10.30 -8.71
C2 GOL B . 6.96 11.12 -7.90
O2 GOL B . 7.31 11.21 -9.27
C3 GOL B . 8.15 10.86 -6.95
O3 GOL B . 9.22 10.22 -7.60
C1 GOL C . 4.86 14.65 5.45
O1 GOL C . 5.01 14.48 6.84
C2 GOL C . 6.19 14.24 4.94
O2 GOL C . 6.91 15.26 4.28
C3 GOL C . 6.00 13.05 4.10
O3 GOL C . 5.43 12.05 4.87
C1 GOL D . 11.34 11.17 10.96
O1 GOL D . 12.70 10.83 10.76
C2 GOL D . 10.39 11.68 9.83
O2 GOL D . 10.99 12.68 9.03
C3 GOL D . 9.29 12.34 10.65
O3 GOL D . 8.23 12.93 9.97
C1 GOL E . 26.89 -2.02 35.95
O1 GOL E . 28.12 -1.33 35.99
C2 GOL E . 25.97 -1.60 34.81
O2 GOL E . 26.43 -0.57 33.93
C3 GOL E . 24.59 -1.28 35.37
O3 GOL E . 23.66 -2.28 35.03
#